data_5SBR
#
_entry.id   5SBR
#
_cell.length_a   30.656
_cell.length_b   81.015
_cell.length_c   31.854
_cell.angle_alpha   90.000
_cell.angle_beta   117.790
_cell.angle_gamma   90.000
#
_symmetry.space_group_name_H-M   'P 1 21 1'
#
loop_
_entity.id
_entity.type
_entity.pdbx_description
1 polymer 'CD44 antigen'
2 non-polymer (1R)-1-[4-(morpholin-4-yl)phenyl]ethan-1-amine
3 non-polymer 'DIMETHYL SULFOXIDE'
4 non-polymer 1,2-ETHANEDIOL
5 water water
#
_entity_poly.entity_id   1
_entity_poly.type   'polypeptide(L)'
_entity_poly.pdbx_seq_one_letter_code
;MNQIDLNVTCRYAGVFHVEKNGRYSISRTEAADLCQAFNSTLPTMDQMKLALSKGFETCRYGFIEGNVVIPRIHPNAICA
ANHTGVYILVTSNTSHYDTYCFNASAPPEEDCTSVTDLPNSFDGPVTITIVNRDGTRYSKKGEYRTHQEDID
;
_entity_poly.pdbx_strand_id   A
#
# COMPACT_ATOMS: atom_id res chain seq x y z
N ASN A 2 7.38 -18.19 9.32
CA ASN A 2 7.51 -16.74 9.48
C ASN A 2 7.22 -16.13 8.13
N GLN A 3 5.97 -15.74 7.90
CA GLN A 3 5.55 -15.29 6.58
C GLN A 3 4.69 -14.06 6.65
N ILE A 4 4.85 -13.19 5.64
CA ILE A 4 4.03 -11.99 5.50
C ILE A 4 3.53 -11.96 4.06
N ASP A 5 2.21 -11.83 3.86
CA ASP A 5 1.63 -11.65 2.52
C ASP A 5 1.37 -10.19 2.34
N LEU A 6 1.78 -9.66 1.20
CA LEU A 6 1.55 -8.25 0.89
C LEU A 6 0.78 -8.22 -0.41
N ASN A 7 -0.53 -7.97 -0.33
CA ASN A 7 -1.37 -7.83 -1.53
C ASN A 7 -1.19 -6.43 -2.06
N VAL A 8 -0.80 -6.32 -3.35
CA VAL A 8 -0.57 -5.02 -3.96
C VAL A 8 -1.46 -4.81 -5.19
N THR A 9 -1.60 -3.56 -5.60
CA THR A 9 -2.45 -3.22 -6.72
C THR A 9 -1.63 -2.73 -7.88
N CYS A 10 -2.33 -2.38 -8.97
CA CYS A 10 -1.87 -1.48 -10.02
C CYS A 10 -1.26 -0.22 -9.36
N ARG A 11 -0.35 0.42 -10.07
CA ARG A 11 0.16 1.72 -9.70
C ARG A 11 -0.53 2.73 -10.58
N TYR A 12 -0.90 3.86 -10.01
CA TYR A 12 -1.50 4.99 -10.72
C TYR A 12 -0.67 6.19 -10.43
N ALA A 13 0.08 6.69 -11.43
CA ALA A 13 0.98 7.81 -11.17
C ALA A 13 1.93 7.45 -9.97
N GLY A 14 2.34 6.17 -9.91
CA GLY A 14 3.26 5.71 -8.89
C GLY A 14 2.62 5.25 -7.60
N VAL A 15 1.35 5.55 -7.40
CA VAL A 15 0.69 5.23 -6.14
C VAL A 15 0.05 3.87 -6.21
N PHE A 16 0.22 3.10 -5.15
CA PHE A 16 -0.40 1.79 -5.07
C PHE A 16 -0.84 1.47 -3.65
N HIS A 17 -1.67 0.44 -3.52
CA HIS A 17 -2.18 0.03 -2.24
C HIS A 17 -1.53 -1.29 -1.84
N VAL A 18 -1.25 -1.43 -0.53
CA VAL A 18 -0.63 -2.60 0.01
C VAL A 18 -1.43 -3.03 1.24
N GLU A 19 -1.93 -4.28 1.22
CA GLU A 19 -2.67 -4.82 2.36
C GLU A 19 -1.84 -5.95 2.91
N LYS A 20 -1.60 -5.96 4.23
CA LYS A 20 -0.76 -6.99 4.83
CA LYS A 20 -0.77 -7.01 4.79
C LYS A 20 -1.60 -8.06 5.47
N ASN A 21 -1.33 -9.31 5.11
CA ASN A 21 -1.96 -10.48 5.70
C ASN A 21 -3.47 -10.49 5.65
N GLY A 22 -4.02 -9.89 4.64
CA GLY A 22 -5.45 -9.93 4.37
C GLY A 22 -6.34 -9.26 5.41
N ARG A 23 -5.79 -8.32 6.18
CA ARG A 23 -6.57 -7.61 7.18
CA ARG A 23 -6.58 -7.61 7.17
C ARG A 23 -5.86 -6.30 7.49
N TYR A 24 -6.58 -5.34 8.08
CA TYR A 24 -5.98 -4.06 8.48
C TYR A 24 -4.97 -4.40 9.58
N SER A 25 -3.69 -4.25 9.33
CA SER A 25 -2.67 -4.72 10.26
C SER A 25 -1.39 -3.96 10.27
N ILE A 26 -1.39 -2.76 9.65
CA ILE A 26 -0.17 -2.01 9.56
C ILE A 26 -0.25 -0.77 10.41
N SER A 27 0.75 -0.53 11.21
CA SER A 27 0.86 0.73 11.97
C SER A 27 1.46 1.82 11.07
N ARG A 28 1.43 3.12 11.44
CA ARG A 28 2.03 4.16 10.61
C ARG A 28 3.53 3.95 10.47
N THR A 29 4.22 3.55 11.56
CA THR A 29 5.66 3.29 11.45
C THR A 29 5.96 2.13 10.55
N GLU A 30 5.17 1.07 10.62
CA GLU A 30 5.40 -0.09 9.75
CA GLU A 30 5.40 -0.07 9.76
C GLU A 30 5.10 0.29 8.32
N ALA A 31 4.09 1.13 8.09
CA ALA A 31 3.74 1.56 6.74
C ALA A 31 4.87 2.28 6.07
N ALA A 32 5.57 3.19 6.79
CA ALA A 32 6.70 3.90 6.18
C ALA A 32 7.79 2.92 5.83
N ASP A 33 8.07 1.96 6.72
CA ASP A 33 9.11 0.98 6.48
C ASP A 33 8.76 0.06 5.30
N LEU A 34 7.49 -0.30 5.20
CA LEU A 34 7.01 -1.17 4.14
CA LEU A 34 6.97 -1.17 4.15
C LEU A 34 7.17 -0.46 2.81
N CYS A 35 6.75 0.81 2.70
CA CYS A 35 6.95 1.50 1.40
C CYS A 35 8.42 1.61 1.08
N GLN A 36 9.29 1.79 2.07
CA GLN A 36 10.74 1.87 1.82
C GLN A 36 11.24 0.59 1.20
N ALA A 37 10.67 -0.58 1.57
CA ALA A 37 11.09 -1.86 0.95
C ALA A 37 10.75 -1.89 -0.56
N PHE A 38 9.74 -1.11 -0.99
CA PHE A 38 9.35 -1.01 -2.39
C PHE A 38 10.06 0.18 -3.04
N ASN A 39 11.13 0.73 -2.43
CA ASN A 39 11.79 1.97 -2.93
C ASN A 39 10.75 3.09 -3.06
N SER A 40 9.83 3.13 -2.10
CA SER A 40 8.70 4.01 -2.18
C SER A 40 8.52 4.75 -0.88
N THR A 41 7.61 5.71 -0.87
CA THR A 41 7.35 6.49 0.33
C THR A 41 5.85 6.56 0.50
N LEU A 42 5.37 7.01 1.69
CA LEU A 42 3.94 7.22 1.84
CA LEU A 42 3.94 7.25 1.87
C LEU A 42 3.57 8.38 0.90
N PRO A 43 2.53 8.23 0.10
CA PRO A 43 2.17 9.31 -0.84
C PRO A 43 1.75 10.57 -0.14
N THR A 44 2.10 11.71 -0.73
CA THR A 44 1.54 12.95 -0.24
C THR A 44 0.08 13.00 -0.68
N MET A 45 -0.73 13.89 -0.10
CA MET A 45 -2.09 14.05 -0.54
C MET A 45 -2.13 14.47 -2.03
N ASP A 46 -1.22 15.37 -2.47
CA ASP A 46 -1.19 15.74 -3.89
C ASP A 46 -0.89 14.54 -4.80
N GLN A 47 0.08 13.71 -4.38
CA GLN A 47 0.36 12.49 -5.16
C GLN A 47 -0.83 11.57 -5.24
N MET A 48 -1.58 11.42 -4.12
CA MET A 48 -2.74 10.55 -4.14
C MET A 48 -3.87 11.14 -4.98
N LYS A 49 -4.06 12.49 -4.93
CA LYS A 49 -5.09 13.10 -5.77
C LYS A 49 -4.76 12.89 -7.24
N LEU A 50 -3.47 12.96 -7.60
CA LEU A 50 -3.12 12.74 -9.02
C LEU A 50 -3.39 11.28 -9.41
N ALA A 51 -3.04 10.35 -8.49
CA ALA A 51 -3.31 8.93 -8.74
C ALA A 51 -4.79 8.70 -8.95
N LEU A 52 -5.64 9.28 -8.07
CA LEU A 52 -7.08 9.20 -8.22
CA LEU A 52 -7.08 9.19 -8.23
C LEU A 52 -7.52 9.67 -9.62
N SER A 53 -7.01 10.82 -10.05
CA SER A 53 -7.37 11.37 -11.35
C SER A 53 -7.00 10.46 -12.52
N LYS A 54 -6.01 9.59 -12.32
CA LYS A 54 -5.57 8.63 -13.33
C LYS A 54 -6.39 7.31 -13.31
N GLY A 55 -7.23 7.11 -12.29
CA GLY A 55 -8.05 5.91 -12.27
C GLY A 55 -7.98 5.09 -11.00
N PHE A 56 -7.28 5.56 -9.99
CA PHE A 56 -7.08 4.81 -8.76
C PHE A 56 -8.20 4.91 -7.78
N GLU A 57 -8.75 3.77 -7.42
CA GLU A 57 -9.70 3.70 -6.33
C GLU A 57 -9.55 2.40 -5.62
N THR A 58 -9.83 2.42 -4.31
CA THR A 58 -9.84 1.17 -3.52
C THR A 58 -11.09 1.23 -2.63
N CYS A 59 -11.34 0.16 -1.88
CA CYS A 59 -12.37 0.18 -0.88
C CYS A 59 -11.75 -0.09 0.50
N ARG A 60 -10.54 0.38 0.73
CA ARG A 60 -9.81 0.13 1.98
C ARG A 60 -9.09 1.35 2.50
N TYR A 61 -9.16 1.51 3.82
CA TYR A 61 -8.40 2.59 4.45
C TYR A 61 -6.92 2.29 4.42
N GLY A 62 -6.14 3.30 4.06
CA GLY A 62 -4.70 3.13 4.13
C GLY A 62 -4.00 4.44 4.41
N PHE A 63 -2.79 4.34 4.97
CA PHE A 63 -2.01 5.55 5.24
C PHE A 63 -1.52 6.18 3.99
N ILE A 64 -1.54 7.52 4.02
CA ILE A 64 -0.73 8.36 3.17
C ILE A 64 0.07 9.19 4.17
N GLU A 65 0.87 10.14 3.72
CA GLU A 65 1.57 11.07 4.60
C GLU A 65 0.51 11.95 5.25
N GLY A 66 0.38 11.81 6.56
CA GLY A 66 -0.48 12.67 7.35
C GLY A 66 -1.93 12.30 7.54
N ASN A 67 -2.46 11.35 6.76
CA ASN A 67 -3.85 10.97 6.91
C ASN A 67 -4.02 9.51 6.54
N VAL A 68 -5.19 9.01 6.82
CA VAL A 68 -5.67 7.69 6.43
C VAL A 68 -6.82 7.94 5.49
N VAL A 69 -6.73 7.35 4.28
CA VAL A 69 -7.69 7.69 3.27
C VAL A 69 -8.17 6.50 2.47
N ILE A 70 -9.23 6.76 1.68
CA ILE A 70 -9.74 5.86 0.65
C ILE A 70 -9.92 6.66 -0.60
N PRO A 71 -9.18 6.39 -1.70
CA PRO A 71 -9.46 7.08 -2.96
C PRO A 71 -10.69 6.47 -3.61
N ARG A 72 -11.65 7.31 -3.97
CA ARG A 72 -12.90 6.81 -4.57
C ARG A 72 -13.24 7.51 -5.84
N ILE A 73 -13.60 6.73 -6.85
CA ILE A 73 -14.05 7.30 -8.11
C ILE A 73 -15.53 7.11 -8.24
N HIS A 74 -16.02 5.88 -8.05
CA HIS A 74 -17.43 5.57 -8.22
C HIS A 74 -18.10 5.47 -6.88
N PRO A 75 -19.21 6.20 -6.67
CA PRO A 75 -19.91 6.07 -5.38
C PRO A 75 -20.31 4.63 -5.08
N ASN A 76 -20.01 4.18 -3.87
CA ASN A 76 -20.37 2.83 -3.43
C ASN A 76 -20.72 2.97 -1.96
N ALA A 77 -21.94 2.55 -1.59
CA ALA A 77 -22.44 2.71 -0.22
C ALA A 77 -21.55 2.07 0.84
N ILE A 78 -20.81 1.00 0.50
CA ILE A 78 -19.93 0.35 1.49
C ILE A 78 -18.44 0.72 1.35
N CYS A 79 -18.14 1.75 0.56
CA CYS A 79 -16.77 2.21 0.40
C CYS A 79 -16.75 3.68 0.66
N ALA A 80 -16.23 4.08 1.83
CA ALA A 80 -16.14 5.49 2.20
C ALA A 80 -17.52 6.17 2.17
N ALA A 81 -18.54 5.46 2.64
CA ALA A 81 -19.91 5.99 2.75
C ALA A 81 -20.42 6.69 1.50
N ASN A 82 -20.17 6.11 0.33
CA ASN A 82 -20.66 6.62 -0.95
C ASN A 82 -19.99 7.92 -1.44
N HIS A 83 -18.91 8.33 -0.79
CA HIS A 83 -18.18 9.52 -1.20
C HIS A 83 -17.28 9.25 -2.41
N THR A 84 -16.94 10.32 -3.11
CA THR A 84 -15.96 10.27 -4.19
C THR A 84 -14.80 11.20 -3.78
N GLY A 85 -13.69 11.10 -4.51
CA GLY A 85 -12.51 11.87 -4.17
C GLY A 85 -11.64 11.12 -3.19
N VAL A 86 -10.64 11.80 -2.63
CA VAL A 86 -9.79 11.18 -1.65
C VAL A 86 -10.54 11.34 -0.32
N TYR A 87 -11.19 10.28 0.12
CA TYR A 87 -11.96 10.31 1.34
C TYR A 87 -11.02 10.23 2.49
N ILE A 88 -11.13 11.17 3.44
CA ILE A 88 -10.24 11.19 4.58
C ILE A 88 -10.94 10.66 5.80
N LEU A 89 -10.35 9.64 6.45
CA LEU A 89 -10.88 9.13 7.72
C LEU A 89 -10.72 10.19 8.77
N VAL A 90 -11.84 10.52 9.44
CA VAL A 90 -11.82 11.57 10.45
C VAL A 90 -11.81 10.97 11.83
N THR A 91 -12.73 10.03 12.13
CA THR A 91 -12.87 9.58 13.50
C THR A 91 -12.75 8.08 13.53
N SER A 92 -11.74 7.61 14.26
CA SER A 92 -11.56 6.18 14.46
C SER A 92 -10.90 5.98 15.82
N ASN A 93 -11.19 4.88 16.47
CA ASN A 93 -10.54 4.55 17.73
C ASN A 93 -9.18 3.96 17.52
N THR A 94 -8.92 3.34 16.35
CA THR A 94 -7.86 2.38 16.13
C THR A 94 -6.78 2.85 15.22
N SER A 95 -5.60 2.19 15.27
CA SER A 95 -4.42 2.72 14.62
C SER A 95 -3.90 1.93 13.46
N HIS A 96 -4.48 0.73 13.16
CA HIS A 96 -3.90 -0.13 12.13
C HIS A 96 -4.75 -0.19 10.88
N TYR A 97 -4.11 0.07 9.75
CA TYR A 97 -4.82 0.14 8.47
C TYR A 97 -4.00 -0.57 7.41
N ASP A 98 -4.35 -0.41 6.13
CA ASP A 98 -3.49 -0.86 5.08
C ASP A 98 -2.56 0.37 4.85
N THR A 99 -1.76 0.34 3.79
CA THR A 99 -0.99 1.52 3.42
C THR A 99 -1.02 1.76 1.97
N TYR A 100 -0.84 3.01 1.60
CA TYR A 100 -0.55 3.34 0.22
C TYR A 100 0.92 3.63 0.17
N CYS A 101 1.51 3.44 -1.01
CA CYS A 101 2.94 3.71 -1.26
C CYS A 101 3.06 4.45 -2.59
N PHE A 102 4.14 5.20 -2.75
CA PHE A 102 4.38 5.94 -3.96
C PHE A 102 5.78 5.63 -4.45
N ASN A 103 5.90 5.14 -5.68
CA ASN A 103 7.18 4.86 -6.30
C ASN A 103 7.38 5.85 -7.41
N ALA A 104 8.29 6.81 -7.21
CA ALA A 104 8.53 7.85 -8.18
C ALA A 104 9.02 7.37 -9.52
N SER A 105 9.53 6.14 -9.62
CA SER A 105 10.04 5.64 -10.90
CA SER A 105 10.04 5.65 -10.90
C SER A 105 9.00 4.84 -11.67
N ALA A 106 7.77 4.72 -11.14
CA ALA A 106 6.72 3.99 -11.83
C ALA A 106 6.23 4.82 -13.04
N PRO A 107 5.43 4.22 -13.90
CA PRO A 107 4.90 4.99 -15.04
C PRO A 107 3.98 6.13 -14.60
N PRO A 108 3.77 7.12 -15.46
CA PRO A 108 3.02 8.31 -15.01
C PRO A 108 1.53 8.10 -14.87
N GLU A 109 0.96 7.07 -15.52
CA GLU A 109 -0.48 6.92 -15.48
C GLU A 109 -0.83 5.54 -14.94
N GLU A 110 -1.74 4.77 -15.55
CA GLU A 110 -2.13 3.50 -15.01
C GLU A 110 -1.10 2.48 -15.39
N ASP A 111 -0.57 1.82 -14.41
CA ASP A 111 0.34 0.71 -14.65
C ASP A 111 -0.25 -0.49 -13.94
N CYS A 112 -0.96 -1.33 -14.70
CA CYS A 112 -1.55 -2.53 -14.16
C CYS A 112 -0.75 -3.76 -14.50
N THR A 113 0.58 -3.62 -14.67
CA THR A 113 1.42 -4.78 -14.75
C THR A 113 1.57 -5.22 -13.29
N SER A 114 2.03 -6.44 -13.08
CA SER A 114 2.24 -6.95 -11.75
C SER A 114 3.57 -6.49 -11.16
N VAL A 115 3.65 -6.53 -9.83
CA VAL A 115 4.84 -6.22 -9.07
C VAL A 115 5.61 -7.52 -8.96
N THR A 116 6.83 -7.49 -9.49
CA THR A 116 7.67 -8.68 -9.62
C THR A 116 8.96 -8.58 -8.83
N ASP A 117 9.04 -7.64 -7.87
CA ASP A 117 10.25 -7.45 -7.09
C ASP A 117 9.91 -6.67 -5.83
N LEU A 118 10.76 -6.81 -4.81
CA LEU A 118 10.68 -6.08 -3.56
C LEU A 118 12.11 -5.58 -3.45
N PRO A 119 12.42 -4.46 -4.12
CA PRO A 119 13.83 -4.10 -4.36
C PRO A 119 14.68 -3.69 -3.20
N ASN A 120 14.04 -3.20 -2.15
CA ASN A 120 14.78 -2.64 -1.05
C ASN A 120 14.47 -3.26 0.29
N SER A 121 14.07 -4.54 0.28
CA SER A 121 13.90 -5.23 1.54
C SER A 121 15.32 -5.51 2.06
N PHE A 122 15.44 -5.64 3.37
CA PHE A 122 16.75 -5.91 3.92
CA PHE A 122 16.70 -5.89 4.04
C PHE A 122 16.87 -7.37 4.32
N ASP A 123 18.07 -7.79 4.73
CA ASP A 123 18.30 -9.17 5.14
C ASP A 123 17.41 -9.48 6.36
N GLY A 124 16.87 -10.67 6.41
CA GLY A 124 16.01 -11.04 7.52
C GLY A 124 15.43 -12.42 7.36
N PRO A 125 14.67 -12.87 8.36
CA PRO A 125 14.21 -14.26 8.35
C PRO A 125 12.82 -14.51 7.80
N VAL A 126 12.10 -13.46 7.39
CA VAL A 126 10.71 -13.59 7.00
C VAL A 126 10.53 -13.94 5.53
N THR A 127 9.64 -14.89 5.20
CA THR A 127 9.31 -15.10 3.80
C THR A 127 8.25 -14.06 3.45
N ILE A 128 8.61 -13.06 2.65
CA ILE A 128 7.70 -11.99 2.29
C ILE A 128 7.18 -12.30 0.90
N THR A 129 5.89 -12.43 0.76
CA THR A 129 5.28 -12.73 -0.52
C THR A 129 4.44 -11.58 -1.04
N ILE A 130 4.80 -11.08 -2.22
CA ILE A 130 4.02 -10.03 -2.86
CA ILE A 130 4.02 -10.04 -2.87
C ILE A 130 2.96 -10.79 -3.63
N VAL A 131 1.70 -10.47 -3.39
CA VAL A 131 0.58 -11.08 -4.06
C VAL A 131 -0.08 -10.06 -4.91
N ASN A 132 -0.09 -10.29 -6.22
CA ASN A 132 -0.77 -9.39 -7.14
C ASN A 132 -2.24 -9.68 -7.25
N ARG A 133 -3.03 -8.76 -7.78
CA ARG A 133 -4.46 -8.95 -7.90
CA ARG A 133 -4.48 -8.97 -7.89
C ARG A 133 -4.80 -10.10 -8.86
N ASP A 134 -3.93 -10.34 -9.85
CA ASP A 134 -4.11 -11.48 -10.74
C ASP A 134 -3.54 -12.77 -10.14
N GLY A 135 -3.14 -12.78 -8.88
CA GLY A 135 -2.66 -13.97 -8.20
C GLY A 135 -1.19 -14.27 -8.35
N THR A 136 -0.50 -13.58 -9.26
CA THR A 136 0.92 -13.86 -9.42
C THR A 136 1.65 -13.42 -8.20
N ARG A 137 2.63 -14.22 -7.81
CA ARG A 137 3.40 -13.98 -6.60
CA ARG A 137 3.39 -13.99 -6.59
C ARG A 137 4.87 -13.88 -6.81
N TYR A 138 5.52 -13.06 -5.95
CA TYR A 138 6.96 -12.90 -5.93
C TYR A 138 7.31 -13.04 -4.45
N SER A 139 8.17 -13.97 -4.07
CA SER A 139 8.56 -14.19 -2.68
C SER A 139 10.02 -13.99 -2.50
N LYS A 140 10.39 -13.46 -1.34
CA LYS A 140 11.79 -13.30 -1.01
CA LYS A 140 11.78 -13.16 -1.02
C LYS A 140 11.96 -13.30 0.49
N LYS A 141 13.09 -13.82 0.94
CA LYS A 141 13.38 -13.87 2.37
C LYS A 141 13.97 -12.55 2.76
N GLY A 142 13.45 -11.96 3.82
CA GLY A 142 13.97 -10.67 4.26
C GLY A 142 13.23 -10.12 5.43
N GLU A 143 13.35 -8.80 5.57
CA GLU A 143 12.68 -8.04 6.60
C GLU A 143 12.59 -6.62 6.09
N TYR A 144 11.60 -5.86 6.55
CA TYR A 144 11.47 -4.44 6.22
C TYR A 144 11.17 -3.61 7.46
N ARG A 145 10.76 -4.24 8.58
CA ARG A 145 10.41 -3.51 9.79
C ARG A 145 11.64 -3.11 10.58
N THR A 146 11.74 -1.83 10.90
CA THR A 146 12.87 -1.30 11.67
C THR A 146 12.50 -0.97 13.13
N HIS A 147 11.20 -0.92 13.46
CA HIS A 147 10.72 -0.62 14.81
C HIS A 147 10.31 -1.91 15.50
N GLN A 148 10.90 -2.19 16.68
CA GLN A 148 10.62 -3.39 17.47
C GLN A 148 9.13 -3.59 17.76
N GLU A 149 8.41 -2.51 18.12
CA GLU A 149 6.98 -2.58 18.43
C GLU A 149 6.14 -3.15 17.30
N ASP A 150 6.63 -3.08 16.04
CA ASP A 150 5.89 -3.64 14.91
C ASP A 150 6.24 -5.10 14.61
N ILE A 151 7.10 -5.74 15.40
CA ILE A 151 7.48 -7.13 15.14
C ILE A 151 6.89 -8.09 16.18
#